data_4MAV
#
_entry.id   4MAV
#
_cell.length_a   60.809
_cell.length_b   66.943
_cell.length_c   106.540
_cell.angle_alpha   90.00
_cell.angle_beta   90.00
_cell.angle_gamma   90.00
#
_symmetry.space_group_name_H-M   'P 21 21 21'
#
loop_
_entity.id
_entity.type
_entity.pdbx_description
1 polymer 'Chitinase-3-like protein 1'
2 non-polymer 2-acetamido-2-deoxy-beta-D-glucopyranose
3 non-polymer GLYCEROL
4 non-polymer alpha-D-ribofuranose
5 water water
#
_entity_poly.entity_id   1
_entity_poly.type   'polypeptide(L)'
_entity_poly.pdbx_seq_one_letter_code
;YKLICYYTSWSQYREGDGSCFPDAIDPFLCTHVIYSFANISNNEIDTWEWNDVTLYDTLNTLKNRNPNLKTLLSVGGWNY
GSQRFSKIASKTQSRRTFIKSVPPFLRTHGFDGLDLAWLWPGWRDKRHLTTLVKEMKAEFVREAQAGTEQLLLSAAVTAG
KIAIDRGYDIAQISRHLDFISLLTYDFHGAWRQTVGHHSPLFRGNEDASSRFSNADYAVSYMLRLGAPANKLVMGIPTFG
RSYTLASSKTDVGAPISGPGIPGRFTKWKGILAYYEICDFLHGATTHRFRDQQVPYATKGNQWVAYDDQESVKNKARYLK
NRQLAGAMVWALDLDDFRGTFCGQNLTFPLTSAIKDVLARV
;
_entity_poly.pdbx_strand_id   A
#
loop_
_chem_comp.id
_chem_comp.type
_chem_comp.name
_chem_comp.formula
GOL non-polymer GLYCEROL 'C3 H8 O3'
NAG D-saccharide, beta linking 2-acetamido-2-deoxy-beta-D-glucopyranose 'C8 H15 N O6'
RIB D-saccharide, alpha linking alpha-D-ribofuranose 'C5 H10 O5'
#
# COMPACT_ATOMS: atom_id res chain seq x y z
N TYR A 1 -11.66 -13.27 4.54
CA TYR A 1 -10.39 -12.51 4.55
C TYR A 1 -10.43 -11.45 3.46
N LYS A 2 -10.09 -10.23 3.83
CA LYS A 2 -9.97 -9.15 2.87
C LYS A 2 -8.72 -9.23 1.98
N LEU A 3 -8.89 -8.83 0.70
CA LEU A 3 -7.76 -8.60 -0.19
C LEU A 3 -7.87 -7.18 -0.72
N ILE A 4 -7.17 -6.26 -0.07
CA ILE A 4 -7.30 -4.85 -0.40
C ILE A 4 -6.22 -4.48 -1.39
N CYS A 5 -6.60 -4.06 -2.60
CA CYS A 5 -5.64 -3.77 -3.64
C CYS A 5 -5.70 -2.35 -4.09
N TYR A 6 -4.54 -1.70 -4.16
CA TYR A 6 -4.37 -0.30 -4.60
C TYR A 6 -4.13 -0.14 -6.12
N TYR A 7 -4.87 0.75 -6.76
CA TYR A 7 -4.55 1.14 -8.15
C TYR A 7 -4.06 2.60 -8.16
N THR A 8 -2.99 2.84 -8.90
CA THR A 8 -2.41 4.17 -8.98
C THR A 8 -2.84 4.85 -10.24
N SER A 9 -3.30 6.08 -10.09
CA SER A 9 -3.73 6.91 -11.24
C SER A 9 -2.71 6.96 -12.37
N TRP A 10 -1.51 7.31 -11.96
CA TRP A 10 -0.44 7.70 -12.83
C TRP A 10 0.22 6.53 -13.52
N SER A 11 -0.21 5.32 -13.19
CA SER A 11 0.18 4.17 -13.99
C SER A 11 -0.36 4.24 -15.43
N GLN A 12 -1.18 5.23 -15.75
CA GLN A 12 -1.74 5.28 -17.06
C GLN A 12 -0.77 5.81 -18.11
N TYR A 13 0.26 6.47 -17.65
CA TYR A 13 1.20 7.21 -18.50
C TYR A 13 2.43 6.44 -18.91
N ARG A 14 2.65 5.29 -18.30
CA ARG A 14 3.84 4.52 -18.62
C ARG A 14 3.75 4.00 -20.03
N GLU A 15 4.88 3.94 -20.71
CA GLU A 15 4.86 3.58 -22.10
C GLU A 15 4.61 2.13 -22.36
N GLY A 16 4.02 1.89 -23.51
CA GLY A 16 3.82 0.55 -24.02
C GLY A 16 3.01 -0.33 -23.09
N ASP A 17 3.59 -1.46 -22.73
CA ASP A 17 2.93 -2.45 -21.87
C ASP A 17 2.91 -2.03 -20.39
N GLY A 18 3.64 -0.98 -20.04
CA GLY A 18 3.50 -0.37 -18.71
C GLY A 18 2.16 0.34 -18.44
N SER A 19 1.49 0.84 -19.49
CA SER A 19 0.21 1.53 -19.34
C SER A 19 -0.85 0.61 -18.72
N CYS A 20 -1.30 0.95 -17.50
CA CYS A 20 -2.41 0.24 -16.82
C CYS A 20 -3.58 1.19 -16.62
N PHE A 21 -4.76 0.74 -17.05
CA PHE A 21 -6.02 1.43 -16.78
C PHE A 21 -6.86 0.49 -15.94
N PRO A 22 -7.92 1.00 -15.28
CA PRO A 22 -8.80 0.16 -14.47
C PRO A 22 -9.41 -1.04 -15.22
N ASP A 23 -9.40 -0.97 -16.52
CA ASP A 23 -9.74 -2.02 -17.44
C ASP A 23 -9.17 -3.37 -17.11
N ALA A 24 -7.89 -3.38 -16.85
CA ALA A 24 -7.07 -4.59 -16.75
C ALA A 24 -7.29 -5.37 -15.46
N ILE A 25 -7.81 -4.72 -14.44
CA ILE A 25 -8.08 -5.38 -13.18
C ILE A 25 -9.16 -6.45 -13.27
N ASP A 26 -8.82 -7.69 -12.93
CA ASP A 26 -9.79 -8.79 -12.91
C ASP A 26 -10.68 -8.54 -11.69
N PRO A 27 -12.01 -8.56 -11.87
CA PRO A 27 -12.87 -8.12 -10.80
C PRO A 27 -13.18 -9.16 -9.74
N PHE A 28 -12.65 -10.38 -9.87
CA PHE A 28 -12.74 -11.39 -8.80
C PHE A 28 -11.41 -11.61 -8.09
N LEU A 29 -10.44 -10.81 -8.44
CA LEU A 29 -9.16 -10.87 -7.81
C LEU A 29 -9.16 -10.30 -6.41
N CYS A 30 -9.62 -9.10 -6.24
CA CYS A 30 -9.59 -8.45 -4.95
C CYS A 30 -10.97 -8.39 -4.28
N THR A 31 -10.99 -8.01 -2.99
CA THR A 31 -12.26 -7.71 -2.31
C THR A 31 -12.52 -6.22 -2.36
N HIS A 32 -11.46 -5.44 -2.31
CA HIS A 32 -11.56 -3.99 -2.27
C HIS A 32 -10.49 -3.46 -3.21
N VAL A 33 -10.89 -2.63 -4.14
CA VAL A 33 -9.91 -1.94 -4.96
C VAL A 33 -9.88 -0.50 -4.53
N ILE A 34 -8.70 0.05 -4.25
CA ILE A 34 -8.61 1.42 -3.77
C ILE A 34 -7.91 2.26 -4.82
N TYR A 35 -8.50 3.40 -5.14
CA TYR A 35 -8.02 4.28 -6.19
C TYR A 35 -7.21 5.44 -5.58
N SER A 36 -5.92 5.46 -5.93
CA SER A 36 -5.00 6.51 -5.47
C SER A 36 -4.59 7.44 -6.56
N PHE A 37 -4.56 8.74 -6.31
CA PHE A 37 -5.05 9.40 -5.10
C PHE A 37 -5.98 10.53 -5.44
N ALA A 38 -6.71 11.02 -4.46
CA ALA A 38 -7.51 12.21 -4.62
C ALA A 38 -6.85 13.47 -4.08
N ASN A 39 -7.16 14.62 -4.68
CA ASN A 39 -6.64 15.91 -4.20
C ASN A 39 -7.69 16.68 -3.40
N ILE A 40 -7.23 17.54 -2.50
CA ILE A 40 -8.11 18.34 -1.68
C ILE A 40 -7.88 19.75 -2.10
N SER A 41 -8.92 20.53 -2.23
CA SER A 41 -8.86 21.82 -2.89
C SER A 41 -10.08 22.62 -2.47
N ASN A 42 -9.92 23.89 -2.13
CA ASN A 42 -10.99 24.60 -1.38
C ASN A 42 -11.54 23.75 -0.23
N ASN A 43 -10.65 23.01 0.43
CA ASN A 43 -10.98 22.14 1.58
C ASN A 43 -12.01 21.05 1.32
N GLU A 44 -12.01 20.56 0.10
CA GLU A 44 -13.01 19.56 -0.30
C GLU A 44 -12.33 18.51 -1.13
N ILE A 45 -12.76 17.30 -1.03
CA ILE A 45 -12.16 16.28 -1.81
C ILE A 45 -12.28 16.56 -3.29
N ASP A 46 -11.32 16.16 -4.08
CA ASP A 46 -11.32 16.54 -5.48
C ASP A 46 -10.54 15.55 -6.35
N THR A 47 -10.68 15.66 -7.67
CA THR A 47 -9.93 14.83 -8.60
C THR A 47 -8.49 15.31 -8.57
N TRP A 48 -7.60 14.49 -9.09
CA TRP A 48 -6.21 14.81 -9.26
C TRP A 48 -5.79 14.89 -10.72
N GLU A 49 -6.06 13.86 -11.48
CA GLU A 49 -5.68 13.83 -12.85
C GLU A 49 -6.72 14.53 -13.60
N TRP A 50 -6.43 14.79 -14.86
CA TRP A 50 -7.35 15.50 -15.70
C TRP A 50 -8.56 14.69 -16.07
N ASN A 51 -8.44 13.38 -16.03
CA ASN A 51 -9.50 12.48 -16.43
C ASN A 51 -9.93 11.46 -15.39
N ASP A 52 -9.71 11.76 -14.13
CA ASP A 52 -10.14 10.86 -13.06
C ASP A 52 -11.61 10.53 -13.11
N VAL A 53 -12.44 11.44 -13.52
CA VAL A 53 -13.85 11.12 -13.63
C VAL A 53 -14.14 9.99 -14.56
N THR A 54 -13.33 9.82 -15.59
CA THR A 54 -13.40 8.70 -16.51
C THR A 54 -12.84 7.44 -15.85
N LEU A 55 -11.64 7.53 -15.29
CA LEU A 55 -11.00 6.35 -14.70
C LEU A 55 -11.82 5.85 -13.49
N TYR A 56 -12.45 6.77 -12.79
CA TYR A 56 -13.34 6.48 -11.70
C TYR A 56 -14.45 5.63 -12.20
N ASP A 57 -15.00 6.02 -13.33
CA ASP A 57 -16.08 5.34 -14.01
C ASP A 57 -15.75 3.97 -14.49
N THR A 58 -14.58 3.84 -15.04
CA THR A 58 -14.06 2.59 -15.61
C THR A 58 -13.79 1.57 -14.53
N LEU A 59 -13.43 2.02 -13.35
CA LEU A 59 -13.22 1.17 -12.23
C LEU A 59 -14.52 0.76 -11.62
N ASN A 60 -15.36 1.70 -11.36
CA ASN A 60 -16.69 1.39 -10.81
C ASN A 60 -17.65 0.62 -11.76
N THR A 61 -17.38 0.58 -13.06
CA THR A 61 -18.11 -0.37 -13.90
C THR A 61 -17.66 -1.84 -13.73
N LEU A 62 -16.52 -2.06 -13.08
CA LEU A 62 -16.14 -3.43 -12.79
C LEU A 62 -17.17 -4.09 -11.88
N LYS A 63 -17.78 -3.30 -10.98
CA LYS A 63 -18.84 -3.80 -10.10
C LYS A 63 -20.05 -4.32 -10.84
N ASN A 64 -20.19 -4.00 -12.13
CA ASN A 64 -21.12 -4.70 -13.02
C ASN A 64 -20.86 -6.20 -13.12
N ARG A 65 -19.58 -6.55 -13.26
CA ARG A 65 -19.14 -7.94 -13.29
C ARG A 65 -19.10 -8.63 -11.93
N ASN A 66 -18.71 -7.89 -10.90
CA ASN A 66 -18.70 -8.42 -9.56
C ASN A 66 -19.45 -7.36 -8.80
N PRO A 67 -20.75 -7.58 -8.59
CA PRO A 67 -21.63 -6.83 -7.69
C PRO A 67 -21.16 -6.76 -6.23
N ASN A 68 -20.32 -7.72 -5.82
CA ASN A 68 -19.77 -7.72 -4.47
C ASN A 68 -18.45 -6.92 -4.28
N LEU A 69 -17.81 -6.57 -5.38
CA LEU A 69 -16.61 -5.76 -5.34
C LEU A 69 -16.87 -4.44 -4.62
N LYS A 70 -16.04 -4.13 -3.64
CA LYS A 70 -16.06 -2.84 -2.97
C LYS A 70 -14.91 -1.97 -3.49
N THR A 71 -15.20 -0.72 -3.83
CA THR A 71 -14.13 0.20 -4.23
C THR A 71 -14.06 1.39 -3.30
N LEU A 72 -12.86 1.87 -3.03
CA LEU A 72 -12.66 3.09 -2.22
C LEU A 72 -11.78 4.09 -2.94
N LEU A 73 -11.77 5.30 -2.42
CA LEU A 73 -10.93 6.34 -2.97
C LEU A 73 -9.99 6.91 -1.87
N SER A 74 -8.69 6.92 -2.18
CA SER A 74 -7.71 7.31 -1.21
C SER A 74 -7.36 8.79 -1.35
N VAL A 75 -7.36 9.52 -0.24
CA VAL A 75 -6.99 10.96 -0.23
C VAL A 75 -5.60 11.25 0.34
N GLY A 76 -4.81 11.94 -0.47
CA GLY A 76 -3.50 12.34 -0.04
C GLY A 76 -2.43 11.62 -0.82
N GLY A 77 -1.75 10.70 -0.14
CA GLY A 77 -0.51 10.14 -0.67
C GLY A 77 0.66 11.08 -0.43
N TRP A 78 1.82 10.71 -0.97
CA TRP A 78 3.08 11.46 -0.71
C TRP A 78 3.19 12.75 -1.54
N ASN A 79 2.60 12.72 -2.70
CA ASN A 79 2.65 13.81 -3.66
C ASN A 79 2.46 15.21 -3.18
N TYR A 80 1.91 15.32 -1.99
CA TYR A 80 0.87 16.06 -1.35
C TYR A 80 1.30 16.35 0.06
N GLY A 81 1.32 17.61 0.44
CA GLY A 81 1.92 17.99 1.71
C GLY A 81 1.20 17.50 2.96
N SER A 82 1.92 16.84 3.88
CA SER A 82 1.46 16.60 5.27
C SER A 82 1.02 17.92 5.93
N GLN A 83 1.82 18.90 5.63
CA GLN A 83 1.59 20.29 5.81
C GLN A 83 0.19 20.68 5.41
N ARG A 84 -0.20 20.31 4.22
CA ARG A 84 -1.52 20.60 3.71
C ARG A 84 -2.62 19.88 4.41
N PHE A 85 -2.44 18.61 4.65
CA PHE A 85 -3.42 17.80 5.38
C PHE A 85 -3.63 18.31 6.79
N SER A 86 -2.53 18.67 7.42
CA SER A 86 -2.51 19.11 8.79
C SER A 86 -3.30 20.37 8.98
N LYS A 87 -3.15 21.26 8.02
CA LYS A 87 -3.81 22.55 8.03
C LYS A 87 -5.28 22.42 7.98
N ILE A 88 -5.73 21.57 7.09
CA ILE A 88 -7.15 21.20 6.98
C ILE A 88 -7.73 20.52 8.23
N ALA A 89 -6.94 19.72 8.96
CA ALA A 89 -7.50 18.89 10.04
C ALA A 89 -7.53 19.59 11.37
N SER A 90 -6.54 20.44 11.58
CA SER A 90 -6.36 21.12 12.86
C SER A 90 -7.29 22.31 13.11
N LYS A 91 -8.08 22.68 12.13
CA LYS A 91 -9.05 23.72 12.28
C LYS A 91 -10.43 23.14 12.22
N THR A 92 -11.33 23.54 13.07
CA THR A 92 -12.60 22.83 13.06
C THR A 92 -13.39 23.14 11.78
N GLN A 93 -13.19 24.33 11.21
CA GLN A 93 -13.98 24.77 10.05
C GLN A 93 -13.57 24.12 8.71
N SER A 94 -12.26 24.05 8.44
CA SER A 94 -11.78 23.38 7.24
C SER A 94 -12.05 21.89 7.33
N ARG A 95 -11.90 21.36 8.54
CA ARG A 95 -12.15 19.95 8.79
C ARG A 95 -13.58 19.68 8.42
N ARG A 96 -14.51 20.40 9.01
CA ARG A 96 -15.93 20.23 8.70
C ARG A 96 -16.25 20.31 7.20
N THR A 97 -15.70 21.31 6.54
CA THR A 97 -15.95 21.53 5.14
C THR A 97 -15.53 20.30 4.36
N PHE A 98 -14.31 19.87 4.62
CA PHE A 98 -13.77 18.72 3.97
C PHE A 98 -14.58 17.46 4.24
N ILE A 99 -15.00 17.25 5.47
CA ILE A 99 -15.83 16.10 5.80
C ILE A 99 -17.16 16.11 5.05
N LYS A 100 -17.82 17.27 4.99
CA LYS A 100 -19.13 17.34 4.31
C LYS A 100 -18.99 17.13 2.82
N SER A 101 -17.80 17.44 2.31
CA SER A 101 -17.57 17.32 0.89
C SER A 101 -17.49 15.88 0.48
N VAL A 102 -17.23 14.98 1.43
CA VAL A 102 -16.79 13.65 1.05
C VAL A 102 -17.87 12.66 0.54
N PRO A 103 -18.98 12.42 1.27
CA PRO A 103 -20.02 11.49 0.77
C PRO A 103 -20.65 11.86 -0.57
N PRO A 104 -21.11 13.11 -0.73
CA PRO A 104 -21.69 13.42 -2.02
C PRO A 104 -20.72 13.13 -3.17
N PHE A 105 -19.44 13.38 -2.97
CA PHE A 105 -18.46 13.14 -4.01
C PHE A 105 -18.33 11.64 -4.26
N LEU A 106 -18.16 10.91 -3.18
CA LEU A 106 -18.05 9.44 -3.21
C LEU A 106 -19.23 8.82 -3.96
N ARG A 107 -20.43 9.16 -3.53
CA ARG A 107 -21.66 8.69 -4.15
C ARG A 107 -21.75 9.00 -5.65
N THR A 108 -21.59 10.28 -6.01
CA THR A 108 -21.56 10.73 -7.40
C THR A 108 -20.69 9.85 -8.30
N HIS A 109 -19.52 9.45 -7.79
CA HIS A 109 -18.54 8.71 -8.59
C HIS A 109 -18.55 7.22 -8.34
N GLY A 110 -19.47 6.80 -7.49
CA GLY A 110 -19.77 5.38 -7.31
C GLY A 110 -18.82 4.60 -6.42
N PHE A 111 -18.14 5.27 -5.48
CA PHE A 111 -17.24 4.63 -4.53
C PHE A 111 -17.97 4.17 -3.30
N ASP A 112 -17.40 3.20 -2.59
CA ASP A 112 -18.05 2.60 -1.42
C ASP A 112 -17.46 3.10 -0.09
N GLY A 113 -16.38 3.86 -0.20
CA GLY A 113 -15.81 4.54 0.94
C GLY A 113 -14.61 5.39 0.63
N LEU A 114 -13.96 5.73 1.74
CA LEU A 114 -12.78 6.59 1.74
C LEU A 114 -11.63 5.89 2.46
N ASP A 115 -10.44 5.96 1.85
CA ASP A 115 -9.18 5.63 2.53
C ASP A 115 -8.40 6.92 2.82
N LEU A 116 -8.10 7.22 4.06
CA LEU A 116 -7.21 8.32 4.35
C LEU A 116 -5.82 7.92 4.15
N ALA A 117 -5.10 8.61 3.28
CA ALA A 117 -3.60 8.39 3.09
C ALA A 117 -3.11 9.76 3.47
N TRP A 118 -2.87 10.03 4.70
CA TRP A 118 -2.08 11.12 5.24
C TRP A 118 -0.78 10.60 5.62
N LEU A 119 0.20 11.04 4.85
CA LEU A 119 1.53 10.51 4.92
C LEU A 119 2.53 11.62 5.17
N TRP A 120 2.82 11.91 6.43
CA TRP A 120 2.26 11.25 7.57
C TRP A 120 2.12 12.35 8.53
N PRO A 121 1.42 12.15 9.61
CA PRO A 121 1.24 13.19 10.64
C PRO A 121 2.44 13.40 11.53
N GLY A 122 2.60 14.61 12.03
CA GLY A 122 3.60 14.93 13.03
C GLY A 122 3.07 14.72 14.44
N TRP A 123 3.93 14.90 15.44
CA TRP A 123 3.49 14.77 16.82
C TRP A 123 2.43 15.81 17.18
N ARG A 124 2.48 16.99 16.57
CA ARG A 124 1.42 17.99 16.79
C ARG A 124 0.09 17.58 16.13
N ASP A 125 0.15 16.67 15.15
CA ASP A 125 -1.00 16.26 14.33
C ASP A 125 -1.79 15.10 14.90
N LYS A 126 -1.20 14.31 15.79
CA LYS A 126 -1.86 13.08 16.29
C LYS A 126 -3.26 13.32 16.86
N ARG A 127 -3.42 14.43 17.57
CA ARG A 127 -4.70 14.86 18.18
C ARG A 127 -5.83 15.07 17.12
N HIS A 128 -5.47 15.74 16.04
CA HIS A 128 -6.37 16.05 14.92
C HIS A 128 -6.65 14.91 13.97
N LEU A 129 -5.74 13.97 13.89
CA LEU A 129 -5.97 12.79 13.11
C LEU A 129 -7.17 12.12 13.77
N THR A 130 -7.07 11.90 15.08
CA THR A 130 -8.08 11.13 15.81
C THR A 130 -9.43 11.74 15.59
N THR A 131 -9.49 13.05 15.80
CA THR A 131 -10.73 13.84 15.65
C THR A 131 -11.28 13.70 14.25
N LEU A 132 -10.41 13.80 13.29
CA LEU A 132 -10.81 13.71 11.90
C LEU A 132 -11.44 12.36 11.56
N VAL A 133 -10.83 11.28 12.02
CA VAL A 133 -11.39 9.96 11.82
C VAL A 133 -12.77 9.85 12.48
N LYS A 134 -12.81 10.22 13.74
CA LYS A 134 -13.97 10.23 14.56
C LYS A 134 -15.10 10.94 13.88
N GLU A 135 -14.85 12.16 13.48
CA GLU A 135 -15.83 13.01 12.92
C GLU A 135 -16.25 12.65 11.52
N MET A 136 -15.35 12.09 10.78
CA MET A 136 -15.59 11.60 9.45
C MET A 136 -16.48 10.40 9.50
N LYS A 137 -16.19 9.51 10.42
CA LYS A 137 -17.05 8.34 10.63
C LYS A 137 -18.43 8.71 11.08
N ALA A 138 -18.54 9.66 12.01
CA ALA A 138 -19.86 10.10 12.47
C ALA A 138 -20.66 10.60 11.27
N GLU A 139 -19.99 11.31 10.35
CA GLU A 139 -20.60 11.75 9.11
C GLU A 139 -21.07 10.59 8.20
N PHE A 140 -20.30 9.50 8.15
CA PHE A 140 -20.67 8.34 7.35
C PHE A 140 -21.87 7.65 8.01
N VAL A 141 -21.97 7.76 9.32
CA VAL A 141 -23.09 7.18 10.06
C VAL A 141 -24.37 7.96 9.78
N ARG A 142 -24.25 9.28 9.79
CA ARG A 142 -25.36 10.20 9.55
C ARG A 142 -25.87 10.19 8.11
N GLU A 143 -25.04 9.81 7.16
CA GLU A 143 -25.45 9.72 5.76
C GLU A 143 -25.99 8.40 5.43
N ALA A 144 -25.71 7.44 6.26
CA ALA A 144 -26.30 6.11 6.09
C ALA A 144 -27.81 6.15 6.33
N GLN A 145 -28.27 7.11 7.12
CA GLN A 145 -29.70 7.24 7.37
C GLN A 145 -30.51 7.41 6.11
N ALA A 146 -29.90 7.92 5.03
CA ALA A 146 -30.62 8.22 3.78
C ALA A 146 -30.95 7.01 2.87
N GLY A 147 -30.69 5.84 3.39
CA GLY A 147 -31.01 4.59 2.74
C GLY A 147 -29.95 3.94 1.91
N THR A 148 -28.90 4.65 1.57
CA THR A 148 -27.75 4.02 0.94
C THR A 148 -26.85 3.37 1.95
N GLU A 149 -26.23 2.28 1.56
CA GLU A 149 -25.37 1.52 2.42
C GLU A 149 -24.19 2.30 2.99
N GLN A 150 -23.95 2.15 4.27
CA GLN A 150 -22.93 2.96 4.95
C GLN A 150 -21.52 2.88 4.36
N LEU A 151 -20.99 4.06 4.06
CA LEU A 151 -19.66 4.20 3.53
C LEU A 151 -18.59 3.57 4.44
N LEU A 152 -17.57 3.01 3.82
CA LEU A 152 -16.48 2.47 4.58
C LEU A 152 -15.46 3.56 4.83
N LEU A 153 -14.78 3.48 5.96
CA LEU A 153 -13.66 4.39 6.22
C LEU A 153 -12.45 3.59 6.63
N SER A 154 -11.33 3.77 5.93
CA SER A 154 -10.13 3.07 6.25
C SER A 154 -9.02 4.05 6.27
N ALA A 155 -7.84 3.59 6.73
CA ALA A 155 -6.64 4.42 6.77
C ALA A 155 -5.38 3.65 6.43
N ALA A 156 -4.47 4.34 5.77
CA ALA A 156 -3.17 3.78 5.42
C ALA A 156 -2.26 4.20 6.55
N VAL A 157 -1.60 3.22 7.18
CA VAL A 157 -0.74 3.46 8.32
C VAL A 157 0.67 2.89 8.13
N THR A 158 1.57 3.78 8.43
CA THR A 158 2.97 3.52 8.37
C THR A 158 3.37 2.44 9.38
N ALA A 159 4.30 1.57 9.00
CA ALA A 159 4.65 0.41 9.83
C ALA A 159 5.93 0.61 10.65
N GLY A 160 6.50 1.82 10.57
CA GLY A 160 7.69 2.19 11.32
C GLY A 160 7.25 2.70 12.68
N LYS A 161 7.85 2.10 13.70
CA LYS A 161 7.59 2.39 15.09
C LYS A 161 7.69 3.89 15.41
N ILE A 162 8.77 4.52 14.96
CA ILE A 162 8.94 5.91 15.26
C ILE A 162 7.71 6.71 14.77
N ALA A 163 7.29 6.39 13.54
CA ALA A 163 6.17 7.09 12.88
C ALA A 163 4.81 6.84 13.54
N ILE A 164 4.61 5.59 13.96
CA ILE A 164 3.39 5.24 14.64
C ILE A 164 3.26 5.97 15.97
N ASP A 165 4.34 5.95 16.76
CA ASP A 165 4.38 6.69 18.02
C ASP A 165 4.21 8.19 17.85
N ARG A 166 4.79 8.75 16.80
CA ARG A 166 4.71 10.20 16.54
C ARG A 166 3.27 10.62 16.18
N GLY A 167 2.66 9.90 15.24
CA GLY A 167 1.49 10.41 14.52
C GLY A 167 0.14 9.73 14.69
N TYR A 168 0.06 8.59 15.39
CA TYR A 168 -1.17 7.77 15.45
C TYR A 168 -1.59 7.34 16.88
N ASP A 169 -2.84 7.64 17.23
CA ASP A 169 -3.48 7.06 18.40
C ASP A 169 -4.19 5.89 17.77
N ILE A 170 -3.52 4.74 17.76
CA ILE A 170 -4.07 3.50 17.21
C ILE A 170 -5.32 3.01 17.92
N ALA A 171 -5.24 2.94 19.25
CA ALA A 171 -6.36 2.48 20.07
C ALA A 171 -7.66 3.20 19.79
N GLN A 172 -7.56 4.50 19.59
CA GLN A 172 -8.72 5.32 19.38
C GLN A 172 -9.25 5.20 17.96
N ILE A 173 -8.36 5.37 16.99
CA ILE A 173 -8.79 5.37 15.60
C ILE A 173 -9.32 4.01 15.16
N SER A 174 -8.75 2.95 15.71
CA SER A 174 -9.28 1.62 15.45
C SER A 174 -10.77 1.47 15.67
N ARG A 175 -11.35 2.22 16.61
CA ARG A 175 -12.81 2.12 16.87
C ARG A 175 -13.62 2.65 15.69
N HIS A 176 -13.25 3.80 15.16
CA HIS A 176 -14.04 4.39 14.10
C HIS A 176 -13.69 3.88 12.73
N LEU A 177 -12.56 3.18 12.58
CA LEU A 177 -12.06 2.70 11.29
C LEU A 177 -12.50 1.26 10.93
N ASP A 178 -12.90 1.04 9.67
CA ASP A 178 -13.39 -0.30 9.22
C ASP A 178 -12.28 -1.31 8.98
N PHE A 179 -11.11 -0.79 8.63
CA PHE A 179 -9.86 -1.53 8.70
C PHE A 179 -8.72 -0.55 8.50
N ILE A 180 -7.54 -0.99 8.89
CA ILE A 180 -6.28 -0.26 8.77
C ILE A 180 -5.27 -1.01 7.96
N SER A 181 -4.75 -0.41 6.92
CA SER A 181 -3.75 -1.06 6.08
C SER A 181 -2.38 -0.66 6.56
N LEU A 182 -1.66 -1.61 7.14
CA LEU A 182 -0.32 -1.39 7.72
C LEU A 182 0.73 -1.46 6.60
N LEU A 183 1.52 -0.40 6.42
CA LEU A 183 2.43 -0.27 5.24
C LEU A 183 3.76 -0.96 5.53
N THR A 184 3.71 -2.29 5.60
CA THR A 184 4.90 -3.09 5.89
C THR A 184 5.71 -3.39 4.63
N TYR A 185 6.25 -2.34 4.03
CA TYR A 185 7.21 -2.45 2.92
C TYR A 185 8.34 -1.39 2.89
N ASP A 186 8.45 -0.57 3.93
CA ASP A 186 9.33 0.61 3.90
C ASP A 186 10.55 0.54 4.83
N PHE A 187 10.90 -0.67 5.25
CA PHE A 187 11.72 -0.92 6.43
C PHE A 187 13.18 -0.68 6.12
N HIS A 188 13.41 -0.12 4.93
CA HIS A 188 14.73 0.25 4.50
C HIS A 188 14.61 1.34 3.45
N GLY A 189 15.68 2.12 3.32
CA GLY A 189 15.83 3.08 2.23
C GLY A 189 17.30 3.34 1.87
N ALA A 190 17.49 4.08 0.77
CA ALA A 190 18.82 4.44 0.28
C ALA A 190 19.55 5.43 1.19
N TRP A 191 18.86 5.96 2.19
CA TRP A 191 19.49 6.80 3.20
C TRP A 191 20.37 6.00 4.16
N ARG A 192 20.16 4.70 4.23
CA ARG A 192 21.07 3.82 4.90
C ARG A 192 22.09 3.57 3.85
N GLN A 193 23.36 3.41 4.18
CA GLN A 193 24.34 3.46 3.13
C GLN A 193 24.82 2.15 2.68
N THR A 194 24.02 1.16 2.98
CA THR A 194 24.23 -0.19 2.51
C THR A 194 22.96 -0.84 1.92
N VAL A 195 23.16 -2.06 1.47
CA VAL A 195 22.14 -2.97 1.03
C VAL A 195 21.23 -3.40 2.18
N GLY A 196 20.01 -3.78 1.85
CA GLY A 196 19.08 -4.32 2.84
C GLY A 196 17.70 -4.46 2.26
N HIS A 197 16.88 -5.33 2.85
CA HIS A 197 15.53 -5.55 2.40
C HIS A 197 14.57 -4.60 3.13
N HIS A 198 13.44 -4.33 2.53
CA HIS A 198 12.55 -3.28 2.92
C HIS A 198 11.19 -3.80 3.32
N SER A 199 10.95 -5.08 3.05
CA SER A 199 9.72 -5.74 3.46
C SER A 199 9.88 -6.94 4.42
N PRO A 200 11.06 -7.14 5.01
CA PRO A 200 11.32 -8.40 5.66
C PRO A 200 10.23 -8.75 6.70
N LEU A 201 9.87 -10.03 6.72
CA LEU A 201 8.88 -10.53 7.67
C LEU A 201 9.46 -10.58 9.07
N PHE A 202 10.66 -11.12 9.21
CA PHE A 202 11.29 -11.25 10.52
C PHE A 202 12.58 -10.46 10.51
N ARG A 203 13.06 -10.10 11.67
CA ARG A 203 14.26 -9.34 11.79
C ARG A 203 15.39 -10.13 11.26
N GLY A 204 15.38 -11.38 11.60
CA GLY A 204 16.40 -12.27 11.14
C GLY A 204 17.74 -12.05 11.80
N ASN A 205 18.13 -12.93 12.70
CA ASN A 205 19.24 -12.55 13.56
C ASN A 205 20.55 -12.63 12.80
N GLU A 206 20.55 -11.95 11.65
CA GLU A 206 21.74 -11.50 10.98
C GLU A 206 22.39 -10.44 11.86
N ASP A 207 21.55 -9.59 12.43
CA ASP A 207 22.02 -8.55 13.38
C ASP A 207 21.10 -7.36 13.74
N ALA A 208 20.27 -7.61 14.72
CA ALA A 208 19.38 -6.60 15.18
C ALA A 208 20.23 -5.44 15.62
N SER A 209 19.89 -4.30 15.04
CA SER A 209 19.89 -2.98 15.66
C SER A 209 18.49 -2.34 15.66
N SER A 210 17.83 -2.45 14.51
CA SER A 210 16.44 -2.46 14.38
C SER A 210 16.19 -3.94 14.60
N ARG A 211 15.38 -4.23 15.58
CA ARG A 211 14.65 -5.43 15.65
C ARG A 211 13.24 -4.93 15.42
N PHE A 212 13.10 -3.63 15.23
CA PHE A 212 11.77 -3.02 15.01
C PHE A 212 11.33 -3.03 13.56
N SER A 213 12.33 -3.23 12.67
CA SER A 213 12.29 -2.98 11.18
C SER A 213 11.95 -4.33 10.61
N ASN A 214 10.75 -4.78 10.72
CA ASN A 214 10.26 -5.94 10.06
C ASN A 214 8.75 -6.03 10.30
N ALA A 215 8.05 -6.74 9.45
CA ALA A 215 6.59 -6.73 9.45
C ALA A 215 6.04 -7.22 10.79
N ASP A 216 6.63 -8.31 11.28
CA ASP A 216 6.17 -8.95 12.51
C ASP A 216 6.24 -8.00 13.74
N TYR A 217 7.30 -7.22 13.88
CA TYR A 217 7.31 -6.25 14.95
C TYR A 217 6.08 -5.40 14.76
N ALA A 218 5.99 -4.80 13.57
CA ALA A 218 4.91 -3.85 13.26
C ALA A 218 3.52 -4.36 13.62
N VAL A 219 3.29 -5.64 13.35
CA VAL A 219 2.00 -6.27 13.61
C VAL A 219 1.73 -6.53 15.08
N SER A 220 2.69 -7.12 15.77
CA SER A 220 2.60 -7.34 17.22
C SER A 220 2.31 -6.02 17.90
N TYR A 221 2.97 -4.98 17.38
CA TYR A 221 3.05 -3.74 18.07
C TYR A 221 1.74 -2.97 17.94
N MET A 222 1.11 -3.09 16.78
CA MET A 222 -0.21 -2.51 16.51
C MET A 222 -1.27 -3.24 17.31
N LEU A 223 -1.17 -4.57 17.39
CA LEU A 223 -2.05 -5.33 18.30
C LEU A 223 -1.85 -4.95 19.75
N ARG A 224 -0.59 -4.67 20.12
CA ARG A 224 -0.25 -4.34 21.48
C ARG A 224 -0.78 -2.95 21.80
N LEU A 225 -0.65 -2.04 20.82
CA LEU A 225 -1.30 -0.74 20.88
C LEU A 225 -2.82 -0.82 20.86
N GLY A 226 -3.38 -1.98 20.50
CA GLY A 226 -4.82 -2.20 20.61
C GLY A 226 -5.57 -2.05 19.31
N ALA A 227 -4.93 -2.37 18.18
CA ALA A 227 -5.66 -2.52 16.94
C ALA A 227 -6.24 -3.92 16.98
N PRO A 228 -7.58 -4.07 16.92
CA PRO A 228 -8.05 -5.47 16.87
C PRO A 228 -7.46 -6.14 15.65
N ALA A 229 -7.10 -7.40 15.78
CA ALA A 229 -6.67 -8.18 14.62
C ALA A 229 -7.65 -8.07 13.48
N ASN A 230 -8.95 -8.14 13.77
CA ASN A 230 -9.97 -8.14 12.70
C ASN A 230 -10.21 -6.79 11.97
N LYS A 231 -9.49 -5.74 12.40
CA LYS A 231 -9.39 -4.50 11.64
C LYS A 231 -8.04 -4.31 10.93
N LEU A 232 -7.13 -5.25 11.10
CA LEU A 232 -5.77 -5.06 10.68
C LEU A 232 -5.50 -5.80 9.40
N VAL A 233 -4.82 -5.11 8.48
CA VAL A 233 -4.51 -5.63 7.17
C VAL A 233 -3.05 -5.39 6.86
N MET A 234 -2.28 -6.45 6.71
CA MET A 234 -0.84 -6.33 6.48
C MET A 234 -0.48 -6.00 5.03
N GLY A 235 0.32 -4.97 4.83
CA GLY A 235 0.67 -4.54 3.49
C GLY A 235 1.78 -5.36 2.90
N ILE A 236 1.56 -5.85 1.70
CA ILE A 236 2.53 -6.66 0.97
C ILE A 236 2.93 -6.00 -0.37
N PRO A 237 4.21 -5.62 -0.52
CA PRO A 237 4.59 -4.89 -1.72
C PRO A 237 4.62 -5.81 -2.93
N THR A 238 4.40 -5.24 -4.11
CA THR A 238 4.47 -5.94 -5.38
C THR A 238 5.72 -5.47 -6.15
N PHE A 239 6.31 -4.39 -5.68
CA PHE A 239 7.44 -3.80 -6.35
C PHE A 239 8.69 -4.28 -5.63
N GLY A 240 9.84 -3.92 -6.19
CA GLY A 240 11.11 -4.10 -5.53
C GLY A 240 11.87 -2.80 -5.49
N ARG A 241 12.96 -2.83 -4.76
CA ARG A 241 13.77 -1.67 -4.61
C ARG A 241 15.17 -2.04 -5.02
N SER A 242 15.79 -1.11 -5.73
CA SER A 242 17.12 -1.32 -6.31
C SER A 242 18.12 -0.35 -5.69
N TYR A 243 19.38 -0.76 -5.79
CA TYR A 243 20.51 -0.01 -5.23
C TYR A 243 21.68 -0.29 -6.12
N THR A 244 22.38 0.77 -6.50
CA THR A 244 23.61 0.65 -7.22
C THR A 244 24.71 0.32 -6.21
N LEU A 245 25.41 -0.78 -6.44
CA LEU A 245 26.47 -1.25 -5.52
C LEU A 245 27.73 -0.42 -5.64
N ALA A 246 28.44 -0.30 -4.53
CA ALA A 246 29.67 0.49 -4.50
C ALA A 246 30.93 -0.40 -4.60
N SER A 247 30.75 -1.71 -4.66
CA SER A 247 31.87 -2.64 -4.76
C SER A 247 31.34 -3.98 -5.24
N SER A 248 32.17 -4.99 -5.28
CA SER A 248 31.69 -6.31 -5.67
C SER A 248 31.18 -7.07 -4.43
N LYS A 249 31.14 -6.37 -3.30
CA LYS A 249 30.43 -6.89 -2.13
C LYS A 249 28.91 -6.79 -2.38
N THR A 250 28.23 -7.84 -1.95
CA THR A 250 26.90 -8.15 -2.40
C THR A 250 26.04 -8.80 -1.26
N ASP A 251 26.69 -9.28 -0.24
CA ASP A 251 25.96 -9.87 0.84
C ASP A 251 25.41 -8.82 1.74
N VAL A 252 25.10 -9.24 2.97
CA VAL A 252 24.67 -8.30 3.99
C VAL A 252 25.80 -7.32 4.30
N GLY A 253 25.42 -6.07 4.43
CA GLY A 253 26.31 -4.95 4.78
C GLY A 253 26.95 -4.25 3.60
N ALA A 254 26.83 -4.85 2.41
CA ALA A 254 27.54 -4.38 1.22
C ALA A 254 27.26 -2.89 0.97
N PRO A 255 28.31 -2.11 0.72
CA PRO A 255 28.07 -0.68 0.59
C PRO A 255 27.41 -0.32 -0.75
N ILE A 256 26.82 0.88 -0.79
CA ILE A 256 25.88 1.27 -1.80
C ILE A 256 26.23 2.68 -2.30
N SER A 257 26.38 2.85 -3.61
CA SER A 257 26.64 4.20 -4.16
C SER A 257 25.35 5.01 -4.19
N GLY A 258 24.20 4.34 -4.11
CA GLY A 258 22.90 4.99 -4.17
C GLY A 258 21.83 4.11 -4.81
N PRO A 259 20.71 4.72 -5.24
CA PRO A 259 19.65 3.92 -5.81
C PRO A 259 20.05 3.27 -7.12
N GLY A 260 19.40 2.16 -7.42
CA GLY A 260 19.59 1.49 -8.70
C GLY A 260 19.00 2.28 -9.85
N ILE A 261 19.40 1.93 -11.06
CA ILE A 261 18.92 2.64 -12.27
C ILE A 261 17.42 2.48 -12.51
N PRO A 262 16.82 3.47 -13.20
CA PRO A 262 15.41 3.39 -13.55
C PRO A 262 15.07 2.13 -14.34
N GLY A 263 13.88 1.60 -14.06
CA GLY A 263 13.30 0.52 -14.85
C GLY A 263 12.83 1.07 -16.18
N ARG A 264 12.85 0.24 -17.20
CA ARG A 264 12.42 0.57 -18.55
C ARG A 264 11.07 1.15 -18.66
N PHE A 265 10.19 0.70 -17.82
CA PHE A 265 8.78 1.11 -17.86
C PHE A 265 8.33 2.04 -16.72
N THR A 266 8.81 1.78 -15.52
CA THR A 266 8.45 2.61 -14.36
C THR A 266 9.24 3.92 -14.34
N LYS A 267 10.48 3.87 -14.80
CA LYS A 267 11.31 5.06 -14.97
C LYS A 267 11.42 5.90 -13.72
N TRP A 268 11.56 5.24 -12.60
CA TRP A 268 11.92 5.93 -11.39
C TRP A 268 13.14 5.28 -10.82
N LYS A 269 14.07 6.09 -10.37
CA LYS A 269 15.24 5.52 -9.77
C LYS A 269 14.97 4.99 -8.43
N GLY A 270 15.37 3.75 -8.25
CA GLY A 270 15.25 3.10 -6.92
C GLY A 270 14.12 2.08 -6.77
N ILE A 271 13.23 2.03 -7.76
CA ILE A 271 12.05 1.18 -7.71
C ILE A 271 11.98 0.34 -8.98
N LEU A 272 11.42 -0.86 -8.88
CA LEU A 272 11.06 -1.67 -10.04
C LEU A 272 9.68 -2.34 -9.82
N ALA A 273 8.92 -2.54 -10.89
CA ALA A 273 7.75 -3.35 -10.83
C ALA A 273 8.15 -4.82 -10.84
N TYR A 274 7.28 -5.69 -10.38
CA TYR A 274 7.58 -7.10 -10.43
C TYR A 274 7.80 -7.57 -11.86
N TYR A 275 7.15 -6.92 -12.83
CA TYR A 275 7.24 -7.39 -14.20
C TYR A 275 8.59 -6.99 -14.78
N GLU A 276 9.14 -5.88 -14.29
CA GLU A 276 10.47 -5.44 -14.67
C GLU A 276 11.49 -6.27 -13.95
N ILE A 277 11.10 -6.77 -12.78
CA ILE A 277 11.97 -7.60 -11.93
C ILE A 277 12.10 -9.04 -12.48
N CYS A 278 11.00 -9.61 -12.94
CA CYS A 278 11.05 -10.90 -13.63
C CYS A 278 12.04 -10.90 -14.80
N ASP A 279 12.23 -9.74 -15.40
CA ASP A 279 13.08 -9.66 -16.55
C ASP A 279 14.52 -9.51 -16.14
N PHE A 280 14.74 -8.65 -15.15
CA PHE A 280 16.03 -8.50 -14.50
C PHE A 280 16.61 -9.84 -14.03
N LEU A 281 15.74 -10.75 -13.57
CA LEU A 281 16.18 -12.04 -13.01
C LEU A 281 16.92 -12.91 -14.04
N HIS A 282 16.71 -12.64 -15.30
CA HIS A 282 17.47 -13.25 -16.36
C HIS A 282 18.90 -12.86 -16.37
N GLY A 283 19.72 -13.80 -15.98
CA GLY A 283 21.13 -13.59 -15.79
C GLY A 283 21.52 -12.96 -14.48
N ALA A 284 20.62 -12.87 -13.50
CA ALA A 284 20.99 -12.34 -12.18
C ALA A 284 21.35 -13.48 -11.23
N THR A 285 22.06 -13.17 -10.16
CA THR A 285 22.30 -14.17 -9.10
C THR A 285 21.23 -14.03 -8.00
N THR A 286 20.47 -15.09 -7.74
CA THR A 286 19.39 -15.06 -6.74
C THR A 286 19.80 -15.56 -5.34
N HIS A 287 19.30 -14.88 -4.31
CA HIS A 287 19.53 -15.26 -2.91
C HIS A 287 18.27 -15.07 -2.07
N ARG A 288 18.23 -15.70 -0.90
CA ARG A 288 17.08 -15.56 -0.02
C ARG A 288 17.50 -15.41 1.44
N PHE A 289 17.20 -14.29 2.07
CA PHE A 289 17.49 -14.16 3.46
C PHE A 289 16.72 -15.25 4.12
N ARG A 290 17.41 -16.17 4.75
CA ARG A 290 16.76 -17.29 5.40
C ARG A 290 15.93 -16.82 6.54
N ASP A 291 16.58 -16.09 7.39
CA ASP A 291 16.01 -15.40 8.51
C ASP A 291 14.79 -14.56 8.25
N GLN A 292 14.94 -13.61 7.35
CA GLN A 292 13.92 -12.61 7.03
C GLN A 292 12.87 -13.08 6.01
N GLN A 293 13.19 -14.19 5.32
CA GLN A 293 12.29 -14.93 4.42
C GLN A 293 11.82 -14.12 3.23
N VAL A 294 12.75 -13.33 2.69
CA VAL A 294 12.48 -12.57 1.47
C VAL A 294 13.69 -12.66 0.54
N PRO A 295 13.46 -12.59 -0.79
CA PRO A 295 14.55 -12.72 -1.74
C PRO A 295 15.16 -11.39 -2.15
N TYR A 296 16.44 -11.42 -2.54
CA TYR A 296 17.08 -10.37 -3.31
C TYR A 296 17.73 -10.97 -4.56
N ALA A 297 18.15 -10.10 -5.46
CA ALA A 297 18.85 -10.51 -6.66
C ALA A 297 19.87 -9.48 -7.05
N THR A 298 20.89 -9.91 -7.77
CA THR A 298 21.95 -9.02 -8.17
C THR A 298 22.72 -9.42 -9.43
N LYS A 299 23.11 -8.40 -10.19
CA LYS A 299 23.73 -8.54 -11.49
C LYS A 299 24.31 -7.16 -11.90
N GLY A 300 25.52 -7.19 -12.48
CA GLY A 300 26.32 -5.97 -12.75
C GLY A 300 26.62 -5.23 -11.45
N ASN A 301 26.36 -3.95 -11.42
CA ASN A 301 26.43 -3.24 -10.15
C ASN A 301 25.02 -2.98 -9.58
N GLN A 302 24.07 -3.82 -9.95
CA GLN A 302 22.69 -3.68 -9.50
C GLN A 302 22.29 -4.77 -8.50
N TRP A 303 21.72 -4.31 -7.39
CA TRP A 303 21.24 -5.16 -6.29
C TRP A 303 19.77 -4.82 -6.01
N VAL A 304 18.93 -5.88 -5.98
CA VAL A 304 17.49 -5.72 -5.82
C VAL A 304 16.88 -6.61 -4.74
N ALA A 305 16.13 -5.95 -3.86
CA ALA A 305 15.28 -6.60 -2.87
C ALA A 305 13.83 -6.63 -3.39
N TYR A 306 13.21 -7.79 -3.27
CA TYR A 306 11.91 -7.95 -3.85
C TYR A 306 11.08 -9.01 -3.13
N ASP A 307 9.84 -9.17 -3.57
CA ASP A 307 8.94 -10.17 -3.07
C ASP A 307 8.51 -10.95 -4.26
N ASP A 308 8.49 -12.24 -4.11
CA ASP A 308 8.12 -13.15 -5.14
C ASP A 308 6.97 -13.99 -4.64
N GLN A 309 6.50 -14.94 -5.44
CA GLN A 309 5.29 -15.68 -5.11
C GLN A 309 5.42 -16.46 -3.85
N GLU A 310 6.62 -16.97 -3.59
CA GLU A 310 6.85 -17.73 -2.37
C GLU A 310 6.76 -16.83 -1.14
N SER A 311 7.46 -15.69 -1.14
CA SER A 311 7.50 -14.83 0.04
C SER A 311 6.15 -14.22 0.30
N VAL A 312 5.43 -13.98 -0.76
CA VAL A 312 4.14 -13.36 -0.66
C VAL A 312 3.13 -14.35 -0.11
N LYS A 313 3.26 -15.63 -0.49
CA LYS A 313 2.41 -16.66 0.09
C LYS A 313 2.68 -16.74 1.57
N ASN A 314 3.96 -16.65 1.86
CA ASN A 314 4.46 -16.92 3.16
C ASN A 314 3.91 -15.89 4.12
N LYS A 315 3.96 -14.63 3.70
CA LYS A 315 3.32 -13.51 4.41
C LYS A 315 1.79 -13.65 4.58
N ALA A 316 1.13 -14.18 3.54
CA ALA A 316 -0.28 -14.52 3.62
C ALA A 316 -0.56 -15.55 4.73
N ARG A 317 0.31 -16.54 4.86
CA ARG A 317 0.13 -17.53 5.91
C ARG A 317 0.32 -16.93 7.27
N TYR A 318 1.34 -16.14 7.42
CA TYR A 318 1.65 -15.48 8.66
C TYR A 318 0.49 -14.72 9.18
N LEU A 319 -0.20 -14.03 8.31
CA LEU A 319 -1.30 -13.20 8.78
C LEU A 319 -2.56 -13.97 9.07
N LYS A 320 -2.73 -15.10 8.38
CA LYS A 320 -3.86 -16.01 8.63
C LYS A 320 -3.65 -16.52 10.04
N ASN A 321 -2.43 -16.98 10.28
CA ASN A 321 -2.05 -17.54 11.59
C ASN A 321 -2.22 -16.57 12.71
N ARG A 322 -2.00 -15.31 12.39
CA ARG A 322 -2.08 -14.27 13.35
C ARG A 322 -3.53 -13.81 13.44
N GLN A 323 -4.37 -14.32 12.58
CA GLN A 323 -5.76 -13.99 12.61
C GLN A 323 -6.04 -12.53 12.30
N LEU A 324 -5.43 -12.00 11.25
CA LEU A 324 -5.68 -10.64 10.84
C LEU A 324 -6.79 -10.65 9.80
N ALA A 325 -7.32 -9.46 9.50
CA ALA A 325 -8.46 -9.29 8.61
C ALA A 325 -8.12 -9.62 7.17
N GLY A 326 -6.90 -9.29 6.75
CA GLY A 326 -6.46 -9.65 5.40
C GLY A 326 -5.15 -9.01 5.01
N ALA A 327 -4.92 -8.98 3.71
CA ALA A 327 -3.71 -8.45 3.17
C ALA A 327 -4.01 -7.20 2.35
N MET A 328 -3.02 -6.33 2.27
CA MET A 328 -3.15 -5.14 1.46
C MET A 328 -2.04 -5.18 0.44
N VAL A 329 -2.35 -4.90 -0.82
CA VAL A 329 -1.35 -4.96 -1.91
C VAL A 329 -1.05 -3.60 -2.53
N TRP A 330 0.25 -3.24 -2.53
CA TRP A 330 0.76 -2.10 -3.27
C TRP A 330 1.78 -2.63 -4.24
N ALA A 331 1.47 -2.67 -5.55
CA ALA A 331 0.17 -2.24 -6.15
C ALA A 331 -0.12 -3.02 -7.42
N LEU A 332 -1.38 -3.07 -7.81
CA LEU A 332 -1.81 -3.86 -8.96
C LEU A 332 -1.03 -3.48 -10.19
N ASP A 333 -0.91 -2.20 -10.45
CA ASP A 333 -0.26 -1.74 -11.68
C ASP A 333 1.22 -2.15 -11.75
N LEU A 334 1.77 -2.58 -10.61
CA LEU A 334 3.19 -2.95 -10.47
C LEU A 334 3.39 -4.46 -10.35
N ASP A 335 2.28 -5.18 -10.32
CA ASP A 335 2.29 -6.63 -10.43
C ASP A 335 2.34 -6.95 -11.92
N ASP A 336 2.61 -8.20 -12.30
CA ASP A 336 2.57 -8.56 -13.75
C ASP A 336 1.15 -8.65 -14.26
N PHE A 337 0.56 -7.47 -14.48
CA PHE A 337 -0.86 -7.41 -14.84
C PHE A 337 -1.22 -7.86 -16.26
N ARG A 338 -0.26 -7.89 -17.19
CA ARG A 338 -0.50 -8.48 -18.52
C ARG A 338 -0.19 -9.97 -18.55
N GLY A 339 0.60 -10.42 -17.57
CA GLY A 339 0.84 -11.84 -17.38
C GLY A 339 1.82 -12.44 -18.35
N THR A 340 2.62 -11.59 -18.97
CA THR A 340 3.50 -11.97 -20.07
C THR A 340 5.00 -11.96 -19.70
N PHE A 341 5.36 -11.20 -18.68
CA PHE A 341 6.76 -10.99 -18.34
C PHE A 341 7.43 -12.07 -17.50
N CYS A 342 6.67 -12.89 -16.78
CA CYS A 342 7.24 -13.75 -15.75
C CYS A 342 7.25 -15.24 -16.11
N GLY A 343 7.18 -15.56 -17.40
CA GLY A 343 7.30 -16.93 -17.85
C GLY A 343 5.93 -17.53 -17.94
N GLN A 344 5.35 -17.87 -16.78
CA GLN A 344 3.98 -18.38 -16.71
C GLN A 344 3.06 -17.50 -17.49
N ASN A 345 1.87 -17.98 -17.79
CA ASN A 345 0.91 -17.15 -18.53
C ASN A 345 -0.16 -16.62 -17.60
N LEU A 346 0.30 -16.15 -16.46
CA LEU A 346 -0.58 -15.84 -15.37
C LEU A 346 -0.50 -14.37 -15.16
N THR A 347 -1.64 -13.74 -15.07
CA THR A 347 -1.67 -12.33 -14.81
C THR A 347 -1.92 -12.06 -13.32
N PHE A 348 -1.24 -11.03 -12.79
CA PHE A 348 -1.23 -10.77 -11.35
C PHE A 348 -0.69 -11.97 -10.59
N PRO A 349 0.49 -12.48 -11.01
CA PRO A 349 1.04 -13.63 -10.31
C PRO A 349 1.04 -13.40 -8.82
N LEU A 350 1.72 -12.32 -8.41
CA LEU A 350 1.89 -12.00 -7.01
C LEU A 350 0.57 -11.90 -6.27
N THR A 351 -0.40 -11.20 -6.85
CA THR A 351 -1.66 -11.02 -6.14
C THR A 351 -2.50 -12.28 -6.07
N SER A 352 -2.50 -13.08 -7.13
CA SER A 352 -3.20 -14.36 -7.14
C SER A 352 -2.69 -15.34 -6.08
N ALA A 353 -1.39 -15.35 -5.89
CA ALA A 353 -0.74 -16.23 -4.90
C ALA A 353 -1.26 -15.97 -3.49
N ILE A 354 -1.32 -14.68 -3.16
CA ILE A 354 -1.97 -14.25 -1.91
C ILE A 354 -3.40 -14.74 -1.82
N LYS A 355 -4.18 -14.46 -2.85
CA LYS A 355 -5.62 -14.81 -2.91
C LYS A 355 -5.87 -16.30 -2.77
N ASP A 356 -5.08 -17.09 -3.47
CA ASP A 356 -5.13 -18.55 -3.31
C ASP A 356 -4.88 -18.90 -1.87
N VAL A 357 -3.80 -18.39 -1.30
CA VAL A 357 -3.45 -18.73 0.08
C VAL A 357 -4.53 -18.26 1.03
N LEU A 358 -5.11 -17.09 0.79
CA LEU A 358 -6.15 -16.58 1.68
C LEU A 358 -7.39 -17.48 1.72
N ALA A 359 -7.55 -18.35 0.75
CA ALA A 359 -8.71 -19.24 0.62
C ALA A 359 -8.47 -20.64 1.18
N ARG A 360 -7.22 -20.95 1.52
CA ARG A 360 -6.87 -22.25 2.11
C ARG A 360 -7.40 -22.42 3.55
N VAL A 361 -7.11 -23.59 4.10
CA VAL A 361 -7.33 -23.87 5.48
C VAL A 361 -5.96 -23.79 6.16
C1 NAG B . -4.55 20.09 -5.79
C2 NAG B . -3.99 20.57 -7.13
C3 NAG B . -3.20 21.86 -6.98
C4 NAG B . -3.96 22.89 -6.19
C5 NAG B . -4.22 22.20 -4.84
C6 NAG B . -4.79 23.08 -3.74
C7 NAG B . -3.42 18.83 -8.75
C8 NAG B . -2.35 17.89 -9.27
N2 NAG B . -3.09 19.60 -7.71
O3 NAG B . -2.80 22.41 -8.23
O4 NAG B . -3.10 24.04 -6.27
O5 NAG B . -5.14 21.15 -5.08
O6 NAG B . -5.93 23.74 -4.21
O7 NAG B . -4.53 18.85 -9.31
C1 GOL C . -7.30 9.01 -21.54
O1 GOL C . -6.67 8.16 -22.52
C2 GOL C . -8.82 8.73 -21.25
O2 GOL C . -8.99 7.96 -20.04
C3 GOL C . -9.67 10.02 -21.09
O3 GOL C . -10.68 10.29 -22.11
O5 RIB D . 5.87 4.20 1.54
C5 RIB D . 5.15 5.26 0.94
C4 RIB D . 4.02 4.46 0.37
O4 RIB D . 2.77 4.65 1.00
C3 RIB D . 3.68 4.69 -1.07
O3 RIB D . 4.66 4.12 -1.91
C2 RIB D . 2.37 3.97 -1.04
O2 RIB D . 2.36 2.59 -0.62
C1 RIB D . 1.80 4.82 0.03
O1 RIB D . 0.55 4.38 0.50
#